data_1YZ2
#
_entry.id   1YZ2
#
_entity_poly.entity_id   1
_entity_poly.type   'polypeptide(L)'
_entity_poly.pdbx_seq_one_letter_code
;CKQAGESCDIFSQNCCVGTCAFICIE(NH2)
;
_entity_poly.pdbx_strand_id   A
#
loop_
_chem_comp.id
_chem_comp.type
_chem_comp.name
_chem_comp.formula
NH2 non-polymer 'AMINO GROUP' 'H2 N'
#
# COMPACT_ATOMS: atom_id res chain seq x y z
N CYS A 1 5.58 -1.91 5.52
CA CYS A 1 4.71 -3.12 5.35
C CYS A 1 3.33 -2.85 5.94
N LYS A 2 2.29 -3.21 5.25
CA LYS A 2 0.92 -2.96 5.78
C LYS A 2 -0.08 -3.99 5.24
N GLN A 3 -1.15 -4.21 5.96
CA GLN A 3 -2.17 -5.21 5.50
C GLN A 3 -3.03 -4.63 4.39
N ALA A 4 -3.58 -5.45 3.55
CA ALA A 4 -4.44 -4.94 2.45
C ALA A 4 -5.62 -4.16 3.03
N GLY A 5 -5.78 -2.93 2.63
CA GLY A 5 -6.88 -2.08 3.18
C GLY A 5 -6.27 -0.95 4.01
N GLU A 6 -5.11 -1.16 4.58
CA GLU A 6 -4.46 -0.10 5.41
C GLU A 6 -4.19 1.15 4.57
N SER A 7 -4.09 2.29 5.21
CA SER A 7 -3.83 3.57 4.48
C SER A 7 -2.56 3.50 3.63
N CYS A 8 -2.44 4.36 2.65
CA CYS A 8 -1.23 4.34 1.77
C CYS A 8 -1.25 5.51 0.79
N ASP A 9 -0.10 5.96 0.37
CA ASP A 9 -0.04 7.08 -0.60
C ASP A 9 0.38 6.56 -1.99
N ILE A 10 0.44 7.40 -2.98
CA ILE A 10 0.86 6.94 -4.34
C ILE A 10 2.38 6.76 -4.36
N PHE A 11 3.11 7.85 -4.26
CA PHE A 11 4.60 7.78 -4.24
C PHE A 11 5.06 7.02 -2.99
N SER A 12 4.38 7.22 -1.90
CA SER A 12 4.73 6.54 -0.62
C SER A 12 3.86 5.28 -0.44
N GLN A 13 4.37 4.15 -0.84
CA GLN A 13 3.58 2.88 -0.72
C GLN A 13 3.77 2.25 0.67
N ASN A 14 2.72 1.72 1.25
CA ASN A 14 2.86 1.08 2.61
C ASN A 14 3.00 -0.44 2.46
N CYS A 15 2.70 -0.97 1.30
CA CYS A 15 2.82 -2.44 1.07
C CYS A 15 4.24 -2.77 0.57
N CYS A 16 5.06 -3.40 1.39
CA CYS A 16 6.45 -3.75 0.96
C CYS A 16 6.42 -4.52 -0.37
N VAL A 17 5.51 -5.44 -0.49
CA VAL A 17 5.40 -6.21 -1.77
C VAL A 17 3.95 -6.18 -2.28
N GLY A 18 3.36 -5.02 -2.34
CA GLY A 18 1.94 -4.93 -2.84
C GLY A 18 1.72 -3.60 -3.56
N THR A 19 1.16 -3.63 -4.73
CA THR A 19 0.88 -2.37 -5.51
C THR A 19 0.07 -1.41 -4.65
N CYS A 20 0.55 -0.19 -4.46
CA CYS A 20 -0.19 0.77 -3.60
C CYS A 20 -0.60 2.05 -4.35
N ALA A 21 -0.58 2.06 -5.66
CA ALA A 21 -0.96 3.28 -6.47
C ALA A 21 -1.90 4.21 -5.68
N PHE A 22 -3.05 3.72 -5.29
CA PHE A 22 -4.01 4.56 -4.50
C PHE A 22 -4.61 3.73 -3.33
N ILE A 23 -4.02 2.59 -3.03
CA ILE A 23 -4.55 1.73 -1.89
C ILE A 23 -3.55 0.60 -1.61
N CYS A 24 -3.42 0.20 -0.37
CA CYS A 24 -2.46 -0.90 -0.04
C CYS A 24 -3.15 -2.27 0.02
N ILE A 25 -2.63 -3.24 -0.70
CA ILE A 25 -3.25 -4.61 -0.69
C ILE A 25 -2.20 -5.67 -0.28
N GLU A 26 -1.58 -5.50 0.86
CA GLU A 26 -0.55 -6.48 1.32
C GLU A 26 -0.94 -7.07 2.68
N NH2 A 27 -0.04 -7.02 3.72
HN1 NH2 A 27 0.90 -6.59 3.58
HN2 NH2 A 27 -0.29 -7.41 4.65
N CYS A 1 5.00 0.14 5.41
CA CYS A 1 4.83 -1.33 5.17
C CYS A 1 3.83 -1.92 6.18
N LYS A 2 2.62 -2.19 5.75
CA LYS A 2 1.60 -2.76 6.67
C LYS A 2 0.74 -3.81 5.97
N GLN A 3 -0.41 -4.12 6.50
CA GLN A 3 -1.30 -5.14 5.88
C GLN A 3 -2.08 -4.57 4.68
N ALA A 4 -2.46 -5.42 3.75
CA ALA A 4 -3.23 -4.96 2.55
C ALA A 4 -4.55 -4.31 2.95
N GLY A 5 -4.96 -3.28 2.26
CA GLY A 5 -6.25 -2.59 2.58
C GLY A 5 -6.03 -1.44 3.58
N GLU A 6 -4.87 -1.37 4.21
CA GLU A 6 -4.62 -0.26 5.19
C GLU A 6 -4.39 1.06 4.45
N SER A 7 -4.13 2.12 5.20
CA SER A 7 -3.90 3.45 4.55
C SER A 7 -2.61 3.44 3.72
N CYS A 8 -2.55 4.24 2.68
CA CYS A 8 -1.31 4.26 1.82
C CYS A 8 -1.36 5.42 0.83
N ASP A 9 -0.22 5.87 0.39
CA ASP A 9 -0.18 7.00 -0.59
C ASP A 9 0.31 6.49 -1.95
N ILE A 10 0.58 7.38 -2.87
CA ILE A 10 1.08 6.94 -4.22
C ILE A 10 2.60 6.75 -4.14
N PHE A 11 3.33 7.83 -4.00
CA PHE A 11 4.82 7.73 -3.87
C PHE A 11 5.17 6.93 -2.61
N SER A 12 4.39 7.11 -1.58
CA SER A 12 4.62 6.37 -0.30
C SER A 12 3.72 5.13 -0.25
N GLN A 13 4.27 3.96 -0.47
CA GLN A 13 3.42 2.71 -0.47
C GLN A 13 3.52 1.98 0.87
N ASN A 14 2.45 1.38 1.32
CA ASN A 14 2.50 0.63 2.61
C ASN A 14 2.43 -0.89 2.38
N CYS A 15 2.26 -1.32 1.14
CA CYS A 15 2.21 -2.79 0.86
C CYS A 15 3.62 -3.31 0.57
N CYS A 16 4.23 -3.99 1.52
CA CYS A 16 5.61 -4.53 1.31
C CYS A 16 5.70 -5.30 0.00
N VAL A 17 4.62 -5.93 -0.41
CA VAL A 17 4.64 -6.70 -1.70
C VAL A 17 3.31 -6.52 -2.45
N GLY A 18 2.86 -5.30 -2.60
CA GLY A 18 1.56 -5.08 -3.33
C GLY A 18 1.52 -3.67 -3.93
N THR A 19 0.87 -3.51 -5.06
CA THR A 19 0.77 -2.16 -5.70
C THR A 19 -0.02 -1.21 -4.80
N CYS A 20 0.49 -0.03 -4.57
CA CYS A 20 -0.25 0.94 -3.69
C CYS A 20 -0.65 2.22 -4.44
N ALA A 21 -0.50 2.26 -5.76
CA ALA A 21 -0.86 3.48 -6.57
C ALA A 21 -1.81 4.44 -5.82
N PHE A 22 -2.99 3.98 -5.49
CA PHE A 22 -3.96 4.83 -4.74
C PHE A 22 -4.54 4.06 -3.54
N ILE A 23 -4.07 2.85 -3.31
CA ILE A 23 -4.58 2.02 -2.15
C ILE A 23 -3.61 0.86 -1.91
N CYS A 24 -3.40 0.47 -0.67
CA CYS A 24 -2.46 -0.66 -0.39
C CYS A 24 -3.12 -2.01 -0.70
N ILE A 25 -3.00 -2.47 -1.93
CA ILE A 25 -3.60 -3.78 -2.32
C ILE A 25 -2.48 -4.83 -2.48
N GLU A 26 -2.48 -5.83 -1.65
CA GLU A 26 -1.42 -6.89 -1.74
C GLU A 26 -2.05 -8.25 -2.12
N NH2 A 27 -1.22 -9.30 -2.48
HN1 NH2 A 27 -0.20 -9.16 -2.49
HN2 NH2 A 27 -1.63 -10.21 -2.74
N CYS A 1 5.72 -0.18 5.39
CA CYS A 1 4.90 -1.41 5.15
C CYS A 1 3.60 -1.36 5.95
N LYS A 2 2.47 -1.55 5.31
CA LYS A 2 1.17 -1.50 6.03
C LYS A 2 0.33 -2.74 5.70
N GLN A 3 -0.80 -2.91 6.34
CA GLN A 3 -1.65 -4.10 6.05
C GLN A 3 -2.48 -3.88 4.76
N ALA A 4 -2.80 -4.95 4.07
CA ALA A 4 -3.61 -4.80 2.82
C ALA A 4 -4.95 -4.12 3.13
N GLY A 5 -5.27 -3.07 2.43
CA GLY A 5 -6.56 -2.36 2.69
C GLY A 5 -6.49 -1.56 4.00
N GLU A 6 -5.34 -1.47 4.62
CA GLU A 6 -5.22 -0.72 5.89
C GLU A 6 -4.98 0.77 5.60
N SER A 7 -3.87 1.09 4.98
CA SER A 7 -3.56 2.53 4.65
C SER A 7 -2.31 2.63 3.77
N CYS A 8 -2.29 3.57 2.86
CA CYS A 8 -1.10 3.74 1.96
C CYS A 8 -1.25 5.01 1.11
N ASP A 9 -0.16 5.57 0.67
CA ASP A 9 -0.24 6.81 -0.17
C ASP A 9 0.17 6.51 -1.61
N ILE A 10 0.19 7.50 -2.45
CA ILE A 10 0.60 7.27 -3.88
C ILE A 10 2.12 7.22 -3.96
N PHE A 11 2.76 8.32 -3.65
CA PHE A 11 4.27 8.36 -3.66
C PHE A 11 4.80 7.48 -2.52
N SER A 12 4.12 7.48 -1.41
CA SER A 12 4.54 6.65 -0.24
C SER A 12 3.80 5.30 -0.26
N GLN A 13 4.36 4.33 -0.93
CA GLN A 13 3.70 2.98 -1.02
C GLN A 13 4.04 2.14 0.23
N ASN A 14 3.10 1.41 0.78
CA ASN A 14 3.40 0.60 2.00
C ASN A 14 2.99 -0.88 1.82
N CYS A 15 2.73 -1.33 0.61
CA CYS A 15 2.35 -2.77 0.41
C CYS A 15 3.63 -3.63 0.48
N CYS A 16 3.84 -4.33 1.56
CA CYS A 16 5.08 -5.19 1.71
C CYS A 16 5.34 -6.01 0.44
N VAL A 17 4.29 -6.51 -0.16
CA VAL A 17 4.46 -7.32 -1.40
C VAL A 17 3.32 -7.02 -2.39
N GLY A 18 3.09 -5.75 -2.66
CA GLY A 18 2.00 -5.40 -3.63
C GLY A 18 2.13 -3.95 -4.10
N THR A 19 1.37 -3.59 -5.11
CA THR A 19 1.42 -2.18 -5.64
C THR A 19 0.56 -1.25 -4.76
N CYS A 20 0.79 0.04 -4.83
CA CYS A 20 -0.02 0.97 -3.97
C CYS A 20 -0.45 2.25 -4.72
N ALA A 21 -0.46 2.24 -6.04
CA ALA A 21 -0.87 3.47 -6.84
C ALA A 21 -1.73 4.43 -6.01
N PHE A 22 -2.88 3.99 -5.57
CA PHE A 22 -3.76 4.85 -4.73
C PHE A 22 -4.34 4.04 -3.54
N ILE A 23 -3.84 2.85 -3.31
CA ILE A 23 -4.34 1.99 -2.18
C ILE A 23 -3.40 0.76 -2.02
N CYS A 24 -3.22 0.26 -0.82
CA CYS A 24 -2.32 -0.93 -0.65
C CYS A 24 -3.14 -2.23 -0.66
N ILE A 25 -3.04 -2.98 -1.74
CA ILE A 25 -3.79 -4.28 -1.82
C ILE A 25 -2.79 -5.44 -1.98
N GLU A 26 -2.52 -6.14 -0.92
CA GLU A 26 -1.55 -7.28 -0.99
C GLU A 26 -2.23 -8.53 -1.60
N NH2 A 27 -1.49 -9.39 -2.36
HN1 NH2 A 27 -0.48 -9.20 -2.53
HN2 NH2 A 27 -1.93 -10.23 -2.77
N CYS A 1 4.98 -0.82 5.84
CA CYS A 1 4.48 -2.24 5.73
C CYS A 1 3.18 -2.39 6.50
N LYS A 2 2.24 -3.16 6.00
CA LYS A 2 0.94 -3.34 6.71
C LYS A 2 0.06 -4.38 6.01
N GLN A 3 -1.16 -4.54 6.45
CA GLN A 3 -2.09 -5.53 5.81
C GLN A 3 -2.81 -4.89 4.60
N ALA A 4 -3.49 -5.68 3.81
CA ALA A 4 -4.22 -5.11 2.64
C ALA A 4 -5.39 -4.24 3.14
N GLY A 5 -5.55 -3.07 2.56
CA GLY A 5 -6.66 -2.17 3.02
C GLY A 5 -6.11 -1.06 3.92
N GLU A 6 -4.93 -1.24 4.47
CA GLU A 6 -4.36 -0.19 5.37
C GLU A 6 -4.11 1.12 4.60
N SER A 7 -3.81 2.18 5.31
CA SER A 7 -3.55 3.50 4.64
C SER A 7 -2.27 3.45 3.79
N CYS A 8 -2.14 4.37 2.85
CA CYS A 8 -0.94 4.40 1.97
C CYS A 8 -1.07 5.51 0.93
N ASP A 9 0.02 5.99 0.41
CA ASP A 9 -0.04 7.07 -0.62
C ASP A 9 0.39 6.53 -1.99
N ILE A 10 0.45 7.38 -2.98
CA ILE A 10 0.89 6.92 -4.34
C ILE A 10 2.43 6.79 -4.35
N PHE A 11 3.11 7.90 -4.24
CA PHE A 11 4.62 7.87 -4.20
C PHE A 11 5.07 7.13 -2.93
N SER A 12 4.34 7.32 -1.86
CA SER A 12 4.67 6.66 -0.56
C SER A 12 3.81 5.40 -0.40
N GLN A 13 4.32 4.25 -0.77
CA GLN A 13 3.52 2.98 -0.66
C GLN A 13 3.77 2.28 0.67
N ASN A 14 2.75 1.66 1.23
CA ASN A 14 2.94 0.93 2.52
C ASN A 14 2.85 -0.59 2.30
N CYS A 15 2.68 -1.03 1.06
CA CYS A 15 2.61 -2.50 0.78
C CYS A 15 4.01 -3.00 0.41
N CYS A 16 4.72 -3.59 1.36
CA CYS A 16 6.12 -4.09 1.07
C CYS A 16 6.15 -5.01 -0.15
N VAL A 17 5.09 -5.70 -0.43
CA VAL A 17 5.08 -6.61 -1.62
C VAL A 17 3.76 -6.48 -2.40
N GLY A 18 3.34 -5.27 -2.65
CA GLY A 18 2.08 -5.06 -3.41
C GLY A 18 2.01 -3.63 -3.97
N THR A 19 1.31 -3.43 -5.06
CA THR A 19 1.21 -2.06 -5.64
C THR A 19 0.28 -1.19 -4.81
N CYS A 20 0.55 0.09 -4.73
CA CYS A 20 -0.32 0.99 -3.90
C CYS A 20 -0.78 2.24 -4.68
N ALA A 21 -0.81 2.18 -6.00
CA ALA A 21 -1.25 3.37 -6.82
C ALA A 21 -2.16 4.31 -6.01
N PHE A 22 -3.26 3.80 -5.52
CA PHE A 22 -4.18 4.64 -4.68
C PHE A 22 -4.69 3.85 -3.46
N ILE A 23 -4.10 2.69 -3.19
CA ILE A 23 -4.54 1.86 -2.00
C ILE A 23 -3.53 0.73 -1.78
N CYS A 24 -3.34 0.31 -0.55
CA CYS A 24 -2.35 -0.80 -0.28
C CYS A 24 -3.02 -2.17 -0.39
N ILE A 25 -2.84 -2.84 -1.51
CA ILE A 25 -3.43 -4.20 -1.69
C ILE A 25 -2.31 -5.23 -1.88
N GLU A 26 -2.22 -6.20 -0.99
CA GLU A 26 -1.15 -7.24 -1.11
C GLU A 26 -1.75 -8.57 -1.59
N NH2 A 27 -1.09 -9.30 -2.56
HN1 NH2 A 27 -0.20 -8.96 -2.96
HN2 NH2 A 27 -1.48 -10.20 -2.88
N CYS A 1 5.13 -0.90 5.23
CA CYS A 1 4.41 -2.18 4.96
C CYS A 1 3.12 -2.25 5.79
N LYS A 2 1.99 -2.14 5.16
CA LYS A 2 0.68 -2.20 5.90
C LYS A 2 -0.22 -3.29 5.32
N GLN A 3 -1.22 -3.71 6.06
CA GLN A 3 -2.14 -4.78 5.56
C GLN A 3 -3.03 -4.26 4.41
N ALA A 4 -3.70 -5.15 3.72
CA ALA A 4 -4.60 -4.72 2.61
C ALA A 4 -5.77 -3.90 3.15
N GLY A 5 -5.85 -2.66 2.77
CA GLY A 5 -6.97 -1.79 3.26
C GLY A 5 -6.54 -0.99 4.50
N GLU A 6 -5.33 -1.21 4.99
CA GLU A 6 -4.88 -0.46 6.20
C GLU A 6 -4.71 1.03 5.86
N SER A 7 -3.74 1.35 5.04
CA SER A 7 -3.49 2.79 4.65
C SER A 7 -2.24 2.89 3.77
N CYS A 8 -2.19 3.84 2.88
CA CYS A 8 -0.99 3.98 1.98
C CYS A 8 -1.14 5.21 1.08
N ASP A 9 -0.05 5.75 0.60
CA ASP A 9 -0.12 6.94 -0.28
C ASP A 9 0.27 6.57 -1.73
N ILE A 10 0.25 7.52 -2.63
CA ILE A 10 0.64 7.21 -4.05
C ILE A 10 2.16 7.19 -4.15
N PHE A 11 2.80 8.32 -4.00
CA PHE A 11 4.29 8.38 -4.04
C PHE A 11 4.86 7.53 -2.90
N SER A 12 4.19 7.53 -1.77
CA SER A 12 4.64 6.73 -0.60
C SER A 12 3.85 5.42 -0.53
N GLN A 13 4.39 4.36 -1.07
CA GLN A 13 3.66 3.04 -1.05
C GLN A 13 4.01 2.27 0.23
N ASN A 14 3.04 1.64 0.86
CA ASN A 14 3.32 0.89 2.12
C ASN A 14 3.05 -0.62 1.94
N CYS A 15 3.26 -1.16 0.77
CA CYS A 15 3.02 -2.63 0.57
C CYS A 15 4.36 -3.38 0.48
N CYS A 16 4.76 -4.02 1.56
CA CYS A 16 6.07 -4.77 1.56
C CYS A 16 6.19 -5.66 0.32
N VAL A 17 5.09 -6.22 -0.11
CA VAL A 17 5.13 -7.08 -1.33
C VAL A 17 3.90 -6.84 -2.22
N GLY A 18 3.65 -5.60 -2.59
CA GLY A 18 2.47 -5.32 -3.47
C GLY A 18 2.50 -3.86 -3.97
N THR A 19 1.70 -3.56 -4.98
CA THR A 19 1.64 -2.17 -5.53
C THR A 19 0.72 -1.29 -4.67
N CYS A 20 0.71 0.01 -4.87
CA CYS A 20 -0.17 0.89 -4.02
C CYS A 20 -0.64 2.16 -4.74
N ALA A 21 -0.74 2.16 -6.06
CA ALA A 21 -1.20 3.40 -6.81
C ALA A 21 -2.08 4.32 -5.94
N PHE A 22 -3.17 3.81 -5.43
CA PHE A 22 -4.06 4.63 -4.54
C PHE A 22 -4.59 3.79 -3.36
N ILE A 23 -3.97 2.66 -3.09
CA ILE A 23 -4.42 1.77 -1.95
C ILE A 23 -3.44 0.59 -1.79
N CYS A 24 -3.26 0.09 -0.59
CA CYS A 24 -2.32 -1.07 -0.38
C CYS A 24 -3.09 -2.38 -0.20
N ILE A 25 -2.68 -3.42 -0.87
CA ILE A 25 -3.37 -4.74 -0.74
C ILE A 25 -2.37 -5.83 -0.32
N GLU A 26 -1.77 -5.68 0.84
CA GLU A 26 -0.78 -6.68 1.33
C GLU A 26 -1.50 -7.97 1.75
N NH2 A 27 -0.93 -9.20 1.44
HN1 NH2 A 27 -0.04 -9.24 0.93
HN2 NH2 A 27 -1.41 -10.07 1.72
N CYS A 1 5.13 -0.24 5.96
CA CYS A 1 4.24 -1.20 5.22
C CYS A 1 2.83 -1.17 5.80
N LYS A 2 1.85 -1.56 5.03
CA LYS A 2 0.44 -1.55 5.52
C LYS A 2 -0.34 -2.74 4.93
N GLN A 3 -1.12 -3.41 5.74
CA GLN A 3 -1.91 -4.58 5.22
C GLN A 3 -2.95 -4.10 4.19
N ALA A 4 -3.61 -5.03 3.53
CA ALA A 4 -4.63 -4.64 2.51
C ALA A 4 -5.78 -3.88 3.16
N GLY A 5 -5.88 -2.60 2.89
CA GLY A 5 -6.98 -1.77 3.50
C GLY A 5 -6.48 -1.03 4.75
N GLU A 6 -5.24 -1.24 5.15
CA GLU A 6 -4.72 -0.53 6.35
C GLU A 6 -4.50 0.95 6.03
N SER A 7 -3.63 1.24 5.11
CA SER A 7 -3.35 2.66 4.70
C SER A 7 -2.25 2.69 3.64
N CYS A 8 -2.19 3.75 2.86
CA CYS A 8 -1.13 3.84 1.80
C CYS A 8 -1.26 5.15 1.03
N ASP A 9 -0.15 5.73 0.65
CA ASP A 9 -0.20 7.01 -0.12
C ASP A 9 0.14 6.71 -1.59
N ILE A 10 0.13 7.72 -2.42
CA ILE A 10 0.47 7.48 -3.86
C ILE A 10 1.99 7.38 -4.00
N PHE A 11 2.68 8.45 -3.72
CA PHE A 11 4.18 8.44 -3.77
C PHE A 11 4.73 7.50 -2.70
N SER A 12 4.08 7.47 -1.57
CA SER A 12 4.51 6.59 -0.44
C SER A 12 3.72 5.27 -0.46
N GLN A 13 4.27 4.26 -1.07
CA GLN A 13 3.56 2.93 -1.14
C GLN A 13 3.96 2.08 0.08
N ASN A 14 3.03 1.46 0.74
CA ASN A 14 3.39 0.63 1.95
C ASN A 14 3.14 -0.87 1.72
N CYS A 15 3.10 -1.32 0.49
CA CYS A 15 2.88 -2.78 0.24
C CYS A 15 4.21 -3.53 0.26
N CYS A 16 4.58 -4.14 1.37
CA CYS A 16 5.88 -4.89 1.46
C CYS A 16 6.08 -5.76 0.23
N VAL A 17 5.03 -6.35 -0.26
CA VAL A 17 5.14 -7.22 -1.48
C VAL A 17 3.92 -7.04 -2.40
N GLY A 18 3.60 -5.81 -2.75
CA GLY A 18 2.44 -5.57 -3.65
C GLY A 18 2.45 -4.13 -4.18
N THR A 19 1.55 -3.80 -5.07
CA THR A 19 1.49 -2.41 -5.64
C THR A 19 0.60 -1.53 -4.74
N CYS A 20 0.81 -0.23 -4.77
CA CYS A 20 -0.03 0.66 -3.89
C CYS A 20 -0.43 1.97 -4.60
N ALA A 21 -0.55 1.97 -5.92
CA ALA A 21 -0.94 3.22 -6.68
C ALA A 21 -1.71 4.22 -5.80
N PHE A 22 -2.83 3.81 -5.28
CA PHE A 22 -3.63 4.70 -4.37
C PHE A 22 -4.20 3.88 -3.19
N ILE A 23 -3.67 2.71 -2.95
CA ILE A 23 -4.17 1.82 -1.83
C ILE A 23 -3.29 0.57 -1.74
N CYS A 24 -3.17 -0.03 -0.57
CA CYS A 24 -2.33 -1.27 -0.45
C CYS A 24 -3.21 -2.52 -0.32
N ILE A 25 -2.82 -3.58 -0.98
CA ILE A 25 -3.60 -4.86 -0.91
C ILE A 25 -2.64 -6.05 -0.67
N GLU A 26 -1.99 -6.06 0.46
CA GLU A 26 -1.03 -7.15 0.78
C GLU A 26 -1.77 -8.46 1.11
N NH2 A 27 -1.73 -9.51 0.22
HN1 NH2 A 27 -1.19 -9.42 -0.66
HN2 NH2 A 27 -2.22 -10.39 0.43
N CYS A 1 4.88 -1.59 4.98
CA CYS A 1 4.44 -2.99 5.29
C CYS A 1 3.10 -2.95 6.05
N LYS A 2 2.02 -2.79 5.34
CA LYS A 2 0.68 -2.74 6.00
C LYS A 2 -0.28 -3.70 5.30
N GLN A 3 -1.04 -4.46 6.05
CA GLN A 3 -2.00 -5.44 5.43
C GLN A 3 -2.94 -4.75 4.42
N ALA A 4 -3.45 -5.50 3.47
CA ALA A 4 -4.36 -4.92 2.44
C ALA A 4 -5.51 -4.13 3.10
N GLY A 5 -5.73 -2.92 2.67
CA GLY A 5 -6.82 -2.08 3.27
C GLY A 5 -6.20 -0.98 4.13
N GLU A 6 -5.02 -1.19 4.66
CA GLU A 6 -4.37 -0.16 5.52
C GLU A 6 -4.06 1.10 4.71
N SER A 7 -3.69 2.16 5.37
CA SER A 7 -3.36 3.44 4.64
C SER A 7 -2.21 3.25 3.64
N CYS A 8 -2.14 4.12 2.67
CA CYS A 8 -1.05 4.03 1.64
C CYS A 8 -1.17 5.19 0.65
N ASP A 9 -0.07 5.77 0.28
CA ASP A 9 -0.11 6.91 -0.69
C ASP A 9 0.38 6.42 -2.06
N ILE A 10 0.40 7.28 -3.04
CA ILE A 10 0.89 6.87 -4.40
C ILE A 10 2.41 6.75 -4.36
N PHE A 11 3.08 7.86 -4.15
CA PHE A 11 4.58 7.84 -4.05
C PHE A 11 4.99 7.10 -2.76
N SER A 12 4.25 7.30 -1.71
CA SER A 12 4.54 6.63 -0.42
C SER A 12 3.70 5.35 -0.31
N GLN A 13 4.23 4.24 -0.76
CA GLN A 13 3.47 2.95 -0.70
C GLN A 13 3.68 2.27 0.66
N ASN A 14 2.63 1.82 1.31
CA ASN A 14 2.82 1.15 2.63
C ASN A 14 2.86 -0.39 2.45
N CYS A 15 2.79 -0.88 1.23
CA CYS A 15 2.86 -2.35 0.99
C CYS A 15 4.26 -2.75 0.51
N CYS A 16 5.07 -3.32 1.37
CA CYS A 16 6.47 -3.73 0.98
C CYS A 16 6.45 -4.60 -0.29
N VAL A 17 5.42 -5.39 -0.45
CA VAL A 17 5.32 -6.25 -1.67
C VAL A 17 3.89 -6.25 -2.21
N GLY A 18 3.30 -5.08 -2.31
CA GLY A 18 1.90 -5.01 -2.86
C GLY A 18 1.70 -3.68 -3.60
N THR A 19 1.04 -3.73 -4.73
CA THR A 19 0.79 -2.47 -5.52
C THR A 19 0.08 -1.44 -4.63
N CYS A 20 0.54 -0.21 -4.63
CA CYS A 20 -0.11 0.81 -3.75
C CYS A 20 -0.57 2.06 -4.52
N ALA A 21 -0.58 2.03 -5.85
CA ALA A 21 -1.00 3.22 -6.67
C ALA A 21 -1.89 4.20 -5.87
N PHE A 22 -3.03 3.76 -5.42
CA PHE A 22 -3.93 4.64 -4.62
C PHE A 22 -4.48 3.90 -3.38
N ILE A 23 -3.96 2.73 -3.07
CA ILE A 23 -4.43 1.94 -1.88
C ILE A 23 -3.45 0.79 -1.59
N CYS A 24 -3.40 0.31 -0.37
CA CYS A 24 -2.46 -0.82 -0.06
C CYS A 24 -3.19 -2.17 -0.04
N ILE A 25 -2.69 -3.14 -0.77
CA ILE A 25 -3.33 -4.49 -0.80
C ILE A 25 -2.30 -5.58 -0.42
N GLU A 26 -1.70 -5.46 0.74
CA GLU A 26 -0.67 -6.48 1.18
C GLU A 26 -1.35 -7.66 1.89
N NH2 A 27 -1.37 -8.89 1.30
HN1 NH2 A 27 -0.94 -9.02 0.36
HN2 NH2 A 27 -1.83 -9.69 1.76
N CYS A 1 5.59 0.26 5.16
CA CYS A 1 4.79 -0.98 4.88
C CYS A 1 3.59 -1.06 5.83
N LYS A 2 2.43 -1.36 5.32
CA LYS A 2 1.23 -1.46 6.20
C LYS A 2 0.39 -2.70 5.84
N GLN A 3 -0.77 -2.85 6.44
CA GLN A 3 -1.62 -4.04 6.15
C GLN A 3 -2.40 -3.87 4.84
N ALA A 4 -2.70 -4.95 4.16
CA ALA A 4 -3.46 -4.87 2.88
C ALA A 4 -4.86 -4.29 3.13
N GLY A 5 -5.22 -3.25 2.40
CA GLY A 5 -6.56 -2.63 2.59
C GLY A 5 -6.57 -1.74 3.86
N GLU A 6 -5.46 -1.60 4.53
CA GLU A 6 -5.42 -0.77 5.76
C GLU A 6 -5.23 0.72 5.39
N SER A 7 -4.12 1.05 4.80
CA SER A 7 -3.85 2.47 4.40
C SER A 7 -2.57 2.57 3.57
N CYS A 8 -2.49 3.53 2.69
CA CYS A 8 -1.26 3.69 1.83
C CYS A 8 -1.27 5.04 1.13
N ASP A 9 -0.11 5.52 0.72
CA ASP A 9 -0.05 6.83 0.03
C ASP A 9 0.28 6.61 -1.46
N ILE A 10 0.39 7.67 -2.23
CA ILE A 10 0.71 7.49 -3.69
C ILE A 10 2.23 7.40 -3.85
N PHE A 11 2.91 8.49 -3.62
CA PHE A 11 4.41 8.49 -3.70
C PHE A 11 4.98 7.51 -2.67
N SER A 12 4.35 7.46 -1.52
CA SER A 12 4.81 6.53 -0.44
C SER A 12 4.01 5.22 -0.51
N GLN A 13 4.62 4.19 -1.05
CA GLN A 13 3.91 2.87 -1.16
C GLN A 13 4.12 2.05 0.13
N ASN A 14 3.07 1.51 0.71
CA ASN A 14 3.23 0.73 1.98
C ASN A 14 2.78 -0.74 1.81
N CYS A 15 2.78 -1.27 0.61
CA CYS A 15 2.37 -2.71 0.42
C CYS A 15 3.63 -3.59 0.42
N CYS A 16 3.92 -4.27 1.50
CA CYS A 16 5.15 -5.13 1.59
C CYS A 16 5.30 -6.01 0.35
N VAL A 17 4.21 -6.51 -0.17
CA VAL A 17 4.29 -7.36 -1.41
C VAL A 17 3.11 -7.07 -2.34
N GLY A 18 2.91 -5.81 -2.67
CA GLY A 18 1.78 -5.45 -3.58
C GLY A 18 1.91 -4.01 -4.10
N THR A 19 1.18 -3.67 -5.13
CA THR A 19 1.23 -2.28 -5.69
C THR A 19 0.46 -1.32 -4.78
N CYS A 20 0.74 -0.04 -4.83
CA CYS A 20 -0.01 0.90 -3.91
C CYS A 20 -0.40 2.22 -4.59
N ALA A 21 -0.43 2.30 -5.92
CA ALA A 21 -0.81 3.59 -6.63
C ALA A 21 -1.65 4.51 -5.73
N PHE A 22 -2.79 4.04 -5.29
CA PHE A 22 -3.66 4.86 -4.39
C PHE A 22 -4.29 3.96 -3.30
N ILE A 23 -3.77 2.76 -3.12
CA ILE A 23 -4.32 1.80 -2.10
C ILE A 23 -3.38 0.60 -1.95
N CYS A 24 -3.17 0.10 -0.77
CA CYS A 24 -2.25 -1.08 -0.61
C CYS A 24 -3.05 -2.38 -0.62
N ILE A 25 -2.92 -3.15 -1.66
CA ILE A 25 -3.65 -4.46 -1.76
C ILE A 25 -2.64 -5.61 -1.94
N GLU A 26 -2.82 -6.69 -1.23
CA GLU A 26 -1.87 -7.84 -1.36
C GLU A 26 -2.51 -8.96 -2.20
N NH2 A 27 -1.69 -9.91 -2.78
HN1 NH2 A 27 -0.68 -9.86 -2.65
HN2 NH2 A 27 -2.11 -10.67 -3.34
N CYS A 1 5.41 -1.82 5.79
CA CYS A 1 4.45 -2.94 5.52
C CYS A 1 3.06 -2.57 6.03
N LYS A 2 2.03 -2.94 5.30
CA LYS A 2 0.64 -2.61 5.74
C LYS A 2 -0.35 -3.60 5.12
N GLN A 3 -1.15 -4.25 5.92
CA GLN A 3 -2.13 -5.24 5.38
C GLN A 3 -3.09 -4.56 4.38
N ALA A 4 -3.66 -5.33 3.49
CA ALA A 4 -4.59 -4.74 2.48
C ALA A 4 -5.72 -3.95 3.16
N GLY A 5 -5.86 -2.70 2.83
CA GLY A 5 -6.94 -1.87 3.43
C GLY A 5 -6.41 -1.00 4.59
N GLU A 6 -5.18 -1.19 5.01
CA GLU A 6 -4.65 -0.36 6.15
C GLU A 6 -4.51 1.11 5.73
N SER A 7 -3.52 1.44 4.94
CA SER A 7 -3.33 2.85 4.49
C SER A 7 -2.17 2.95 3.51
N CYS A 8 -2.17 3.96 2.67
CA CYS A 8 -1.05 4.09 1.67
C CYS A 8 -1.23 5.32 0.79
N ASP A 9 -0.14 5.84 0.29
CA ASP A 9 -0.21 7.02 -0.61
C ASP A 9 0.24 6.60 -2.02
N ILE A 10 0.28 7.51 -2.96
CA ILE A 10 0.73 7.12 -4.33
C ILE A 10 2.26 7.01 -4.34
N PHE A 11 2.92 8.13 -4.19
CA PHE A 11 4.42 8.13 -4.14
C PHE A 11 4.90 7.31 -2.93
N SER A 12 4.18 7.40 -1.84
CA SER A 12 4.55 6.65 -0.60
C SER A 12 3.77 5.33 -0.53
N GLN A 13 4.38 4.25 -0.96
CA GLN A 13 3.69 2.92 -0.92
C GLN A 13 3.89 2.27 0.46
N ASN A 14 2.85 1.72 1.05
CA ASN A 14 3.00 1.08 2.40
C ASN A 14 3.07 -0.45 2.28
N CYS A 15 2.76 -0.98 1.12
CA CYS A 15 2.81 -2.47 0.93
C CYS A 15 4.23 -2.90 0.54
N CYS A 16 4.98 -3.47 1.46
CA CYS A 16 6.37 -3.91 1.14
C CYS A 16 6.38 -4.76 -0.13
N VAL A 17 5.38 -5.56 -0.33
CA VAL A 17 5.31 -6.41 -1.55
C VAL A 17 3.92 -6.34 -2.19
N GLY A 18 3.42 -5.15 -2.42
CA GLY A 18 2.06 -5.03 -3.05
C GLY A 18 1.90 -3.69 -3.78
N THR A 19 1.23 -3.69 -4.91
CA THR A 19 1.03 -2.41 -5.67
C THR A 19 0.24 -1.43 -4.80
N CYS A 20 0.71 -0.22 -4.67
CA CYS A 20 0.00 0.76 -3.79
C CYS A 20 -0.48 2.02 -4.55
N ALA A 21 -0.48 2.01 -5.87
CA ALA A 21 -0.92 3.20 -6.68
C ALA A 21 -1.79 4.19 -5.87
N PHE A 22 -2.94 3.75 -5.42
CA PHE A 22 -3.83 4.64 -4.61
C PHE A 22 -4.41 3.89 -3.40
N ILE A 23 -3.88 2.72 -3.09
CA ILE A 23 -4.39 1.91 -1.92
C ILE A 23 -3.41 0.75 -1.65
N CYS A 24 -3.40 0.23 -0.45
CA CYS A 24 -2.45 -0.90 -0.14
C CYS A 24 -3.19 -2.24 -0.01
N ILE A 25 -2.74 -3.25 -0.73
CA ILE A 25 -3.40 -4.59 -0.66
C ILE A 25 -2.35 -5.66 -0.26
N GLU A 26 -1.67 -5.45 0.85
CA GLU A 26 -0.64 -6.43 1.30
C GLU A 26 -1.12 -7.18 2.55
N NH2 A 27 -0.19 -7.55 3.51
HN1 NH2 A 27 0.81 -7.33 3.38
HN2 NH2 A 27 -0.51 -8.05 4.35
N CYS A 1 5.51 -1.98 5.91
CA CYS A 1 4.53 -3.09 5.61
C CYS A 1 3.13 -2.67 6.06
N LYS A 2 2.11 -3.04 5.31
CA LYS A 2 0.72 -2.65 5.71
C LYS A 2 -0.29 -3.64 5.13
N GLN A 3 -1.07 -4.27 5.98
CA GLN A 3 -2.08 -5.25 5.49
C GLN A 3 -3.02 -4.61 4.45
N ALA A 4 -3.51 -5.39 3.51
CA ALA A 4 -4.43 -4.84 2.47
C ALA A 4 -5.57 -4.04 3.12
N GLY A 5 -5.79 -2.83 2.68
CA GLY A 5 -6.88 -2.00 3.27
C GLY A 5 -6.27 -0.87 4.10
N GLU A 6 -5.14 -1.11 4.72
CA GLU A 6 -4.50 -0.05 5.56
C GLU A 6 -4.17 1.20 4.72
N SER A 7 -4.05 2.33 5.37
CA SER A 7 -3.74 3.61 4.65
C SER A 7 -2.50 3.47 3.75
N CYS A 8 -2.40 4.30 2.75
CA CYS A 8 -1.23 4.25 1.82
C CYS A 8 -1.22 5.46 0.88
N ASP A 9 -0.05 5.91 0.49
CA ASP A 9 0.04 7.08 -0.43
C ASP A 9 0.39 6.59 -1.85
N ILE A 10 0.43 7.50 -2.80
CA ILE A 10 0.77 7.09 -4.21
C ILE A 10 2.30 6.90 -4.30
N PHE A 11 3.03 7.98 -4.28
CA PHE A 11 4.53 7.90 -4.33
C PHE A 11 5.04 7.06 -3.15
N SER A 12 4.40 7.19 -2.02
CA SER A 12 4.81 6.42 -0.81
C SER A 12 3.93 5.16 -0.67
N GLN A 13 4.42 4.04 -1.13
CA GLN A 13 3.61 2.77 -1.04
C GLN A 13 3.72 2.17 0.37
N ASN A 14 2.66 1.56 0.86
CA ASN A 14 2.70 0.96 2.23
C ASN A 14 2.85 -0.57 2.14
N CYS A 15 2.59 -1.16 0.99
CA CYS A 15 2.74 -2.65 0.85
C CYS A 15 4.22 -2.99 0.61
N CYS A 16 4.89 -3.57 1.59
CA CYS A 16 6.33 -3.94 1.39
C CYS A 16 6.51 -4.71 0.09
N VAL A 17 5.55 -5.55 -0.24
CA VAL A 17 5.64 -6.33 -1.51
C VAL A 17 4.30 -6.29 -2.26
N GLY A 18 3.76 -5.12 -2.49
CA GLY A 18 2.46 -5.04 -3.24
C GLY A 18 2.27 -3.65 -3.85
N THR A 19 1.47 -3.57 -4.89
CA THR A 19 1.21 -2.24 -5.54
C THR A 19 0.33 -1.38 -4.62
N CYS A 20 0.49 -0.07 -4.65
CA CYS A 20 -0.33 0.78 -3.76
C CYS A 20 -0.75 2.11 -4.43
N ALA A 21 -0.80 2.16 -5.75
CA ALA A 21 -1.19 3.43 -6.48
C ALA A 21 -2.07 4.35 -5.61
N PHE A 22 -3.18 3.87 -5.16
CA PHE A 22 -4.08 4.69 -4.28
C PHE A 22 -4.67 3.84 -3.13
N ILE A 23 -4.10 2.67 -2.89
CA ILE A 23 -4.59 1.76 -1.78
C ILE A 23 -3.64 0.57 -1.65
N CYS A 24 -3.46 0.04 -0.46
CA CYS A 24 -2.52 -1.12 -0.28
C CYS A 24 -3.27 -2.45 -0.19
N ILE A 25 -2.73 -3.47 -0.84
CA ILE A 25 -3.35 -4.83 -0.81
C ILE A 25 -2.28 -5.88 -0.43
N GLU A 26 -1.62 -5.66 0.68
CA GLU A 26 -0.55 -6.62 1.12
C GLU A 26 -1.08 -7.58 2.19
N NH2 A 27 -0.26 -8.59 2.65
HN1 NH2 A 27 0.69 -8.70 2.28
HN2 NH2 A 27 -0.60 -9.25 3.37
N CYS A 1 5.40 -0.64 4.10
CA CYS A 1 4.90 -1.89 4.74
C CYS A 1 3.68 -1.59 5.61
N LYS A 2 2.52 -2.05 5.20
CA LYS A 2 1.26 -1.79 5.98
C LYS A 2 0.26 -2.93 5.75
N GLN A 3 -0.86 -2.90 6.44
CA GLN A 3 -1.86 -4.01 6.25
C GLN A 3 -2.68 -3.80 4.96
N ALA A 4 -3.02 -4.87 4.30
CA ALA A 4 -3.83 -4.76 3.04
C ALA A 4 -5.17 -4.08 3.33
N GLY A 5 -5.50 -3.04 2.60
CA GLY A 5 -6.79 -2.32 2.83
C GLY A 5 -6.69 -1.39 4.06
N GLU A 6 -5.56 -1.37 4.73
CA GLU A 6 -5.42 -0.49 5.93
C GLU A 6 -5.16 0.96 5.50
N SER A 7 -4.05 1.21 4.85
CA SER A 7 -3.74 2.60 4.39
C SER A 7 -2.63 2.58 3.34
N CYS A 8 -2.44 3.67 2.64
CA CYS A 8 -1.38 3.71 1.59
C CYS A 8 -1.29 5.07 0.90
N ASP A 9 -0.11 5.47 0.53
CA ASP A 9 0.06 6.76 -0.18
C ASP A 9 0.47 6.47 -1.63
N ILE A 10 0.58 7.48 -2.45
CA ILE A 10 1.00 7.24 -3.88
C ILE A 10 2.52 7.10 -3.93
N PHE A 11 3.21 8.18 -3.71
CA PHE A 11 4.71 8.14 -3.71
C PHE A 11 5.19 7.17 -2.62
N SER A 12 4.48 7.13 -1.52
CA SER A 12 4.85 6.22 -0.40
C SER A 12 4.02 4.92 -0.48
N GLN A 13 4.55 3.89 -1.06
CA GLN A 13 3.78 2.60 -1.17
C GLN A 13 3.76 1.89 0.20
N ASN A 14 2.61 1.43 0.64
CA ASN A 14 2.54 0.76 1.97
C ASN A 14 2.63 -0.77 1.83
N CYS A 15 2.04 -1.34 0.81
CA CYS A 15 2.13 -2.84 0.62
C CYS A 15 3.60 -3.29 0.64
N CYS A 16 4.01 -4.04 1.64
CA CYS A 16 5.44 -4.53 1.72
C CYS A 16 5.90 -5.06 0.36
N VAL A 17 5.05 -5.77 -0.31
CA VAL A 17 5.41 -6.33 -1.65
C VAL A 17 4.18 -6.31 -2.57
N GLY A 18 3.48 -5.21 -2.62
CA GLY A 18 2.27 -5.14 -3.49
C GLY A 18 2.10 -3.73 -4.08
N THR A 19 1.37 -3.63 -5.17
CA THR A 19 1.15 -2.28 -5.79
C THR A 19 0.35 -1.40 -4.84
N CYS A 20 0.54 -0.11 -4.89
CA CYS A 20 -0.20 0.78 -3.95
C CYS A 20 -0.54 2.15 -4.55
N ALA A 21 -0.63 2.26 -5.88
CA ALA A 21 -0.96 3.60 -6.52
C ALA A 21 -1.76 4.50 -5.58
N PHE A 22 -2.92 4.05 -5.16
CA PHE A 22 -3.76 4.84 -4.22
C PHE A 22 -4.38 3.92 -3.15
N ILE A 23 -3.85 2.72 -2.99
CA ILE A 23 -4.41 1.76 -1.98
C ILE A 23 -3.49 0.54 -1.84
N CYS A 24 -3.34 -0.02 -0.66
CA CYS A 24 -2.46 -1.21 -0.51
C CYS A 24 -3.29 -2.50 -0.47
N ILE A 25 -3.16 -3.32 -1.49
CA ILE A 25 -3.95 -4.61 -1.54
C ILE A 25 -3.00 -5.81 -1.45
N GLU A 26 -2.23 -5.89 -0.38
CA GLU A 26 -1.29 -7.03 -0.20
C GLU A 26 -2.04 -8.38 -0.21
N NH2 A 27 -1.54 -9.43 -0.96
HN1 NH2 A 27 -0.67 -9.31 -1.49
HN2 NH2 A 27 -2.04 -10.33 -0.97
N CYS A 1 5.42 -0.37 5.72
CA CYS A 1 4.71 -1.68 5.55
C CYS A 1 3.33 -1.62 6.19
N LYS A 2 2.30 -1.68 5.40
CA LYS A 2 0.91 -1.63 5.97
C LYS A 2 0.12 -2.87 5.53
N GLN A 3 -0.85 -3.28 6.30
CA GLN A 3 -1.67 -4.47 5.92
C GLN A 3 -2.51 -4.17 4.67
N ALA A 4 -2.93 -5.19 3.96
CA ALA A 4 -3.76 -4.96 2.74
C ALA A 4 -5.04 -4.19 3.12
N GLY A 5 -5.26 -3.06 2.51
CA GLY A 5 -6.48 -2.25 2.84
C GLY A 5 -6.27 -1.42 4.12
N GLU A 6 -5.09 -1.46 4.71
CA GLU A 6 -4.87 -0.67 5.96
C GLU A 6 -4.67 0.81 5.60
N SER A 7 -3.56 1.14 4.97
CA SER A 7 -3.31 2.57 4.59
C SER A 7 -2.13 2.66 3.63
N CYS A 8 -2.16 3.62 2.74
CA CYS A 8 -1.03 3.79 1.76
C CYS A 8 -1.24 5.06 0.94
N ASP A 9 -0.18 5.70 0.53
CA ASP A 9 -0.31 6.94 -0.28
C ASP A 9 0.15 6.67 -1.71
N ILE A 10 0.17 7.67 -2.55
CA ILE A 10 0.63 7.46 -3.96
C ILE A 10 2.16 7.43 -3.98
N PHE A 11 2.77 8.54 -3.66
CA PHE A 11 4.27 8.61 -3.60
C PHE A 11 4.78 7.70 -2.47
N SER A 12 4.05 7.66 -1.39
CA SER A 12 4.44 6.80 -0.23
C SER A 12 3.73 5.45 -0.32
N GLN A 13 4.40 4.46 -0.88
CA GLN A 13 3.77 3.10 -1.01
C GLN A 13 4.07 2.26 0.23
N ASN A 14 3.06 1.66 0.83
CA ASN A 14 3.30 0.84 2.06
C ASN A 14 2.89 -0.63 1.85
N CYS A 15 2.79 -1.08 0.63
CA CYS A 15 2.39 -2.50 0.36
C CYS A 15 3.66 -3.36 0.21
N CYS A 16 4.16 -3.91 1.29
CA CYS A 16 5.41 -4.75 1.22
C CYS A 16 5.28 -5.86 0.17
N VAL A 17 4.09 -6.39 -0.02
CA VAL A 17 3.92 -7.48 -1.03
C VAL A 17 2.81 -7.13 -2.04
N GLY A 18 2.83 -5.94 -2.59
CA GLY A 18 1.77 -5.57 -3.59
C GLY A 18 1.98 -4.14 -4.11
N THR A 19 1.23 -3.74 -5.09
CA THR A 19 1.35 -2.35 -5.64
C THR A 19 0.58 -1.38 -4.75
N CYS A 20 0.81 -0.09 -4.88
CA CYS A 20 0.08 0.88 -3.99
C CYS A 20 -0.33 2.17 -4.71
N ALA A 21 -0.39 2.20 -6.03
CA ALA A 21 -0.79 3.44 -6.79
C ALA A 21 -1.64 4.38 -5.93
N PHE A 22 -2.78 3.91 -5.48
CA PHE A 22 -3.67 4.75 -4.61
C PHE A 22 -4.24 3.89 -3.45
N ILE A 23 -3.69 2.71 -3.23
CA ILE A 23 -4.19 1.81 -2.14
C ILE A 23 -3.27 0.59 -2.02
N CYS A 24 -3.12 0.02 -0.84
CA CYS A 24 -2.23 -1.17 -0.69
C CYS A 24 -3.06 -2.46 -0.68
N ILE A 25 -2.92 -3.27 -1.70
CA ILE A 25 -3.68 -4.56 -1.76
C ILE A 25 -2.69 -5.72 -1.96
N GLU A 26 -2.19 -6.28 -0.89
CA GLU A 26 -1.22 -7.41 -1.00
C GLU A 26 -1.95 -8.74 -1.26
N NH2 A 27 -1.28 -9.76 -1.90
HN1 NH2 A 27 -0.32 -9.63 -2.21
HN2 NH2 A 27 -1.77 -10.66 -2.07
N CYS A 1 5.66 -0.34 5.38
CA CYS A 1 4.90 -1.63 5.23
C CYS A 1 3.60 -1.58 6.03
N LYS A 2 2.48 -1.76 5.39
CA LYS A 2 1.18 -1.71 6.13
C LYS A 2 0.30 -2.91 5.75
N GLN A 3 -0.84 -3.05 6.38
CA GLN A 3 -1.72 -4.21 6.05
C GLN A 3 -2.55 -3.91 4.79
N ALA A 4 -2.88 -4.94 4.05
CA ALA A 4 -3.68 -4.74 2.80
C ALA A 4 -5.04 -4.10 3.14
N GLY A 5 -5.42 -3.07 2.44
CA GLY A 5 -6.72 -2.39 2.71
C GLY A 5 -6.64 -1.53 3.98
N GLU A 6 -5.49 -1.44 4.60
CA GLU A 6 -5.36 -0.61 5.84
C GLU A 6 -5.14 0.86 5.49
N SER A 7 -4.02 1.19 4.90
CA SER A 7 -3.72 2.62 4.53
C SER A 7 -2.46 2.72 3.69
N CYS A 8 -2.41 3.65 2.76
CA CYS A 8 -1.20 3.80 1.90
C CYS A 8 -1.28 5.08 1.06
N ASP A 9 -0.15 5.62 0.68
CA ASP A 9 -0.14 6.86 -0.15
C ASP A 9 0.18 6.51 -1.61
N ILE A 10 0.36 7.51 -2.44
CA ILE A 10 0.70 7.25 -3.88
C ILE A 10 2.22 7.16 -4.01
N PHE A 11 2.91 8.25 -3.77
CA PHE A 11 4.40 8.26 -3.84
C PHE A 11 4.95 7.36 -2.71
N SER A 12 4.29 7.38 -1.58
CA SER A 12 4.72 6.55 -0.42
C SER A 12 3.95 5.22 -0.44
N GLN A 13 4.52 4.20 -1.03
CA GLN A 13 3.83 2.86 -1.10
C GLN A 13 4.13 2.05 0.17
N ASN A 14 3.13 1.46 0.78
CA ASN A 14 3.39 0.67 2.03
C ASN A 14 3.03 -0.82 1.85
N CYS A 15 2.80 -1.27 0.63
CA CYS A 15 2.48 -2.72 0.42
C CYS A 15 3.76 -3.55 0.53
N CYS A 16 3.94 -4.29 1.61
CA CYS A 16 5.18 -5.13 1.80
C CYS A 16 5.54 -5.88 0.51
N VAL A 17 4.54 -6.25 -0.25
CA VAL A 17 4.81 -6.97 -1.54
C VAL A 17 3.64 -6.77 -2.50
N GLY A 18 3.22 -5.54 -2.69
CA GLY A 18 2.07 -5.27 -3.63
C GLY A 18 2.10 -3.83 -4.14
N THR A 19 1.29 -3.54 -5.14
CA THR A 19 1.23 -2.15 -5.70
C THR A 19 0.40 -1.24 -4.79
N CYS A 20 0.69 0.03 -4.76
CA CYS A 20 -0.08 0.95 -3.86
C CYS A 20 -0.55 2.24 -4.57
N ALA A 21 -0.52 2.29 -5.89
CA ALA A 21 -0.96 3.52 -6.67
C ALA A 21 -1.84 4.45 -5.80
N PHE A 22 -2.99 3.99 -5.41
CA PHE A 22 -3.89 4.82 -4.55
C PHE A 22 -4.47 3.96 -3.40
N ILE A 23 -3.95 2.76 -3.21
CA ILE A 23 -4.45 1.85 -2.13
C ILE A 23 -3.48 0.67 -1.97
N CYS A 24 -3.26 0.19 -0.77
CA CYS A 24 -2.31 -0.97 -0.62
C CYS A 24 -3.08 -2.29 -0.58
N ILE A 25 -2.87 -3.12 -1.59
CA ILE A 25 -3.56 -4.44 -1.65
C ILE A 25 -2.55 -5.56 -1.89
N GLU A 26 -2.51 -6.54 -1.03
CA GLU A 26 -1.54 -7.67 -1.21
C GLU A 26 -2.28 -8.98 -1.49
N NH2 A 27 -1.65 -9.97 -2.20
HN1 NH2 A 27 -0.69 -9.83 -2.55
HN2 NH2 A 27 -2.15 -10.86 -2.41
N CYS A 1 5.09 -1.83 4.76
CA CYS A 1 4.46 -3.09 5.28
C CYS A 1 3.11 -2.75 5.93
N LYS A 2 2.03 -3.09 5.27
CA LYS A 2 0.68 -2.78 5.83
C LYS A 2 -0.36 -3.71 5.21
N GLN A 3 -1.11 -4.41 6.04
CA GLN A 3 -2.15 -5.35 5.52
C GLN A 3 -3.07 -4.67 4.50
N ALA A 4 -3.57 -5.42 3.55
CA ALA A 4 -4.48 -4.84 2.52
C ALA A 4 -5.60 -4.03 3.17
N GLY A 5 -5.83 -2.84 2.67
CA GLY A 5 -6.89 -1.96 3.26
C GLY A 5 -6.25 -0.84 4.08
N GLU A 6 -5.15 -1.11 4.72
CA GLU A 6 -4.47 -0.06 5.54
C GLU A 6 -4.17 1.19 4.70
N SER A 7 -4.13 2.33 5.34
CA SER A 7 -3.84 3.62 4.61
C SER A 7 -2.59 3.49 3.73
N CYS A 8 -2.47 4.33 2.73
CA CYS A 8 -1.27 4.27 1.84
C CYS A 8 -1.24 5.48 0.89
N ASP A 9 -0.06 5.92 0.51
CA ASP A 9 0.05 7.08 -0.42
C ASP A 9 0.36 6.58 -1.84
N ILE A 10 0.50 7.47 -2.79
CA ILE A 10 0.82 7.04 -4.18
C ILE A 10 2.34 6.82 -4.30
N PHE A 11 3.10 7.88 -4.32
CA PHE A 11 4.59 7.76 -4.39
C PHE A 11 5.09 6.93 -3.19
N SER A 12 4.47 7.12 -2.06
CA SER A 12 4.85 6.37 -0.83
C SER A 12 3.96 5.13 -0.68
N GLN A 13 4.46 3.99 -1.10
CA GLN A 13 3.66 2.73 -1.00
C GLN A 13 3.74 2.13 0.41
N ASN A 14 2.66 1.61 0.94
CA ASN A 14 2.69 1.02 2.31
C ASN A 14 2.88 -0.51 2.23
N CYS A 15 2.59 -1.11 1.09
CA CYS A 15 2.78 -2.59 0.96
C CYS A 15 4.27 -2.90 0.72
N CYS A 16 4.95 -3.52 1.66
CA CYS A 16 6.40 -3.88 1.47
C CYS A 16 6.59 -4.53 0.10
N VAL A 17 5.63 -5.30 -0.32
CA VAL A 17 5.74 -5.98 -1.65
C VAL A 17 4.37 -6.02 -2.34
N GLY A 18 3.72 -4.89 -2.47
CA GLY A 18 2.38 -4.87 -3.15
C GLY A 18 2.13 -3.54 -3.85
N THR A 19 1.34 -3.55 -4.90
CA THR A 19 1.03 -2.28 -5.62
C THR A 19 0.13 -1.39 -4.75
N CYS A 20 0.54 -0.17 -4.51
CA CYS A 20 -0.28 0.72 -3.63
C CYS A 20 -0.66 2.03 -4.32
N ALA A 21 -0.68 2.07 -5.64
CA ALA A 21 -1.05 3.34 -6.40
C ALA A 21 -1.96 4.26 -5.57
N PHE A 22 -3.08 3.77 -5.13
CA PHE A 22 -4.02 4.61 -4.30
C PHE A 22 -4.61 3.77 -3.16
N ILE A 23 -4.02 2.62 -2.87
CA ILE A 23 -4.55 1.73 -1.76
C ILE A 23 -3.60 0.53 -1.58
N CYS A 24 -3.42 0.06 -0.38
CA CYS A 24 -2.49 -1.11 -0.17
C CYS A 24 -3.25 -2.43 -0.07
N ILE A 25 -2.76 -3.45 -0.72
CA ILE A 25 -3.41 -4.80 -0.67
C ILE A 25 -2.39 -5.86 -0.25
N GLU A 26 -1.72 -5.65 0.86
CA GLU A 26 -0.70 -6.65 1.33
C GLU A 26 -1.37 -7.78 2.12
N NH2 A 27 -1.14 -9.08 1.76
HN1 NH2 A 27 -0.52 -9.30 0.97
HN2 NH2 A 27 -1.59 -9.85 2.30
N CYS A 1 5.22 0.20 5.70
CA CYS A 1 4.74 -1.19 5.39
C CYS A 1 3.54 -1.54 6.28
N LYS A 2 2.47 -2.00 5.70
CA LYS A 2 1.27 -2.36 6.50
C LYS A 2 0.50 -3.50 5.83
N GLN A 3 -0.65 -3.84 6.37
CA GLN A 3 -1.45 -4.94 5.77
C GLN A 3 -2.24 -4.42 4.56
N ALA A 4 -2.54 -5.30 3.63
CA ALA A 4 -3.30 -4.88 2.42
C ALA A 4 -4.65 -4.26 2.83
N GLY A 5 -4.99 -3.14 2.26
CA GLY A 5 -6.29 -2.47 2.61
C GLY A 5 -6.06 -1.38 3.66
N GLU A 6 -4.91 -1.35 4.30
CA GLU A 6 -4.66 -0.30 5.33
C GLU A 6 -4.34 1.05 4.65
N SER A 7 -3.91 2.02 5.43
CA SER A 7 -3.58 3.36 4.85
C SER A 7 -2.34 3.30 3.96
N CYS A 8 -2.32 4.12 2.94
CA CYS A 8 -1.13 4.13 2.02
C CYS A 8 -1.23 5.29 1.03
N ASP A 9 -0.11 5.72 0.50
CA ASP A 9 -0.12 6.83 -0.49
C ASP A 9 0.33 6.32 -1.87
N ILE A 10 0.46 7.20 -2.82
CA ILE A 10 0.90 6.78 -4.19
C ILE A 10 2.43 6.55 -4.17
N PHE A 11 3.17 7.61 -3.98
CA PHE A 11 4.66 7.49 -3.91
C PHE A 11 5.07 6.75 -2.63
N SER A 12 4.36 7.03 -1.57
CA SER A 12 4.64 6.35 -0.25
C SER A 12 3.72 5.14 -0.11
N GLN A 13 4.21 3.97 -0.46
CA GLN A 13 3.35 2.74 -0.40
C GLN A 13 3.55 1.96 0.92
N ASN A 14 2.53 1.27 1.37
CA ASN A 14 2.65 0.47 2.63
C ASN A 14 2.58 -1.04 2.31
N CYS A 15 2.40 -1.41 1.06
CA CYS A 15 2.33 -2.87 0.71
C CYS A 15 3.73 -3.40 0.44
N CYS A 16 4.37 -4.00 1.43
CA CYS A 16 5.76 -4.54 1.21
C CYS A 16 5.79 -5.50 0.02
N VAL A 17 4.69 -6.13 -0.30
CA VAL A 17 4.68 -7.07 -1.47
C VAL A 17 3.49 -6.80 -2.39
N GLY A 18 3.25 -5.55 -2.72
CA GLY A 18 2.11 -5.21 -3.63
C GLY A 18 2.16 -3.72 -4.03
N THR A 19 1.43 -3.35 -5.04
CA THR A 19 1.42 -1.91 -5.49
C THR A 19 0.44 -1.09 -4.65
N CYS A 20 0.50 0.20 -4.75
CA CYS A 20 -0.42 1.06 -3.93
C CYS A 20 -0.90 2.31 -4.70
N ALA A 21 -0.90 2.28 -6.02
CA ALA A 21 -1.36 3.47 -6.85
C ALA A 21 -2.17 4.46 -6.02
N PHE A 22 -3.34 4.07 -5.60
CA PHE A 22 -4.18 4.97 -4.76
C PHE A 22 -4.70 4.23 -3.50
N ILE A 23 -4.24 3.02 -3.28
CA ILE A 23 -4.66 2.23 -2.08
C ILE A 23 -3.74 1.01 -1.94
N CYS A 24 -3.55 0.51 -0.76
CA CYS A 24 -2.65 -0.67 -0.59
C CYS A 24 -3.42 -1.98 -0.81
N ILE A 25 -3.01 -2.73 -1.81
CA ILE A 25 -3.69 -4.04 -2.10
C ILE A 25 -2.65 -5.09 -2.50
N GLU A 26 -2.61 -6.21 -1.80
CA GLU A 26 -1.61 -7.27 -2.11
C GLU A 26 -2.31 -8.59 -2.44
N NH2 A 27 -1.63 -9.78 -2.25
HN1 NH2 A 27 -0.65 -9.77 -1.89
HN2 NH2 A 27 -2.08 -10.69 -2.46
#